data_2HIV
#
_entry.id   2HIV
#
_cell.length_a   119.206
_cell.length_b   169.770
_cell.length_c   77.310
_cell.angle_alpha   90.000
_cell.angle_beta   90.000
_cell.angle_gamma   90.000
#
_symmetry.space_group_name_H-M   'C 2 2 21'
#
loop_
_entity.id
_entity.type
_entity.pdbx_description
1 polymer 'Thermostable DNA ligase'
2 water water
#
_entity_poly.entity_id   1
_entity_poly.type   'polypeptide(L)'
_entity_poly.pdbx_seq_one_letter_code
;MGSSHHHHHHSSGLVPRGSHMEFKVIAEYFDKLEKISSRLQLTALLADLLSKSDKTIIDKVVYIIQGKLWPDFLGYPELG
IGEKFLIKAISIATNTDENSVENLYKTIGDLGEVARRLKSKQQSTGILGFLGTTSKESLTVDEVYSTLSKVALTTGEGSR
DLKIRLLAGLLKKADPLEAKFLVRFVEGRLRVGIGDATVLDAMAIAFGGGQSASEIIERAYNLRADLGNIAKIIVEKGIE
ALKTLKPQVGIPIRPMLAERLSNPEEILKKMGGNAIVDYKYDGERAQIHKKEDKIFIFSRRLENITSQYPDVVDYVSKYI
EGKEFIIEGEIVAIDPESGEMRPFQELMHRKRKSDIYEAIKEYPVNVFLFDLMYYEDVDYTTKPLEARRKLLESIVKPND
YVKIAHHIQANNVEDLKSFFYRAISEGGEGVMVKAIGKDAIYQAGARGWLWIKLKRDYQSEMADTVDLVVVGGFYGKGKR
GGKISSLLMAAYNPKTDSFESVCKVASGFSDEQLDELQKKLMEIKRDVKHPRVNSKMEPDIWVEPVYVAEIIGSEITISP
LHTCCQDVVEKDAGLSIRFPRFIRWRDDKSPEDATTTDEILEMYNKQPKKKIESPAVDESV
;
_entity_poly.pdbx_strand_id   A
#
# COMPACT_ATOMS: atom_id res chain seq x y z
N MET A 21 -34.78 -4.37 22.02
CA MET A 21 -34.43 -5.39 20.97
C MET A 21 -33.76 -6.61 21.57
N GLU A 22 -34.29 -7.79 21.26
CA GLU A 22 -33.81 -9.03 21.85
C GLU A 22 -32.74 -9.71 21.03
N PHE A 23 -31.75 -10.29 21.72
CA PHE A 23 -30.65 -10.96 21.04
C PHE A 23 -31.08 -12.16 20.22
N LYS A 24 -32.24 -12.74 20.55
CA LYS A 24 -32.77 -13.90 19.82
C LYS A 24 -32.86 -13.64 18.32
N VAL A 25 -33.20 -12.41 17.96
CA VAL A 25 -33.37 -12.04 16.58
C VAL A 25 -32.00 -12.21 15.84
N ILE A 26 -30.90 -11.97 16.55
CA ILE A 26 -29.57 -12.06 15.95
C ILE A 26 -29.07 -13.50 15.84
N ALA A 27 -29.31 -14.28 16.91
CA ALA A 27 -29.08 -15.72 16.90
C ALA A 27 -29.85 -16.39 15.76
N GLU A 28 -31.11 -15.98 15.59
CA GLU A 28 -31.95 -16.51 14.53
C GLU A 28 -31.34 -16.16 13.18
N TYR A 29 -30.86 -14.91 13.05
CA TYR A 29 -30.11 -14.47 11.85
C TYR A 29 -28.90 -15.35 11.58
N PHE A 30 -28.07 -15.57 12.60
CA PHE A 30 -26.89 -16.43 12.46
C PHE A 30 -27.24 -17.85 12.07
N ASP A 31 -28.27 -18.41 12.68
CA ASP A 31 -28.70 -19.75 12.35
C ASP A 31 -29.18 -19.84 10.88
N LYS A 32 -30.04 -18.90 10.49
CA LYS A 32 -30.55 -18.85 9.10
C LYS A 32 -29.41 -18.67 8.09
N LEU A 33 -28.48 -17.79 8.42
CA LEU A 33 -27.28 -17.54 7.62
C LEU A 33 -26.53 -18.81 7.20
N GLU A 34 -26.44 -19.78 8.12
CA GLU A 34 -25.78 -21.08 7.87
C GLU A 34 -26.48 -21.94 6.85
N LYS A 35 -27.78 -21.75 6.74
CA LYS A 35 -28.59 -22.62 5.90
C LYS A 35 -28.81 -22.00 4.51
N ILE A 36 -28.61 -20.69 4.38
CA ILE A 36 -28.83 -20.05 3.10
C ILE A 36 -27.60 -20.06 2.19
N SER A 37 -27.86 -20.15 0.90
CA SER A 37 -26.87 -20.12 -0.17
C SER A 37 -27.13 -19.01 -1.18
N SER A 38 -28.22 -18.28 -1.01
CA SER A 38 -28.65 -17.29 -2.00
C SER A 38 -28.29 -15.89 -1.57
N ARG A 39 -27.61 -15.16 -2.46
CA ARG A 39 -27.14 -13.79 -2.21
C ARG A 39 -28.31 -12.87 -2.00
N LEU A 40 -29.40 -13.19 -2.72
CA LEU A 40 -30.67 -12.47 -2.67
C LEU A 40 -31.27 -12.62 -1.27
N GLN A 41 -31.43 -13.88 -0.83
CA GLN A 41 -31.93 -14.20 0.50
C GLN A 41 -31.09 -13.63 1.65
N LEU A 42 -29.80 -13.40 1.40
CA LEU A 42 -28.91 -12.84 2.38
C LEU A 42 -29.27 -11.36 2.55
N THR A 43 -29.36 -10.65 1.42
CA THR A 43 -29.75 -9.24 1.40
C THR A 43 -31.09 -9.09 2.14
N ALA A 44 -32.03 -9.97 1.84
CA ALA A 44 -33.38 -9.94 2.44
C ALA A 44 -33.32 -10.18 3.95
N LEU A 45 -32.57 -11.20 4.36
CA LEU A 45 -32.29 -11.51 5.75
C LEU A 45 -31.72 -10.29 6.49
N LEU A 46 -30.67 -9.69 5.94
CA LEU A 46 -30.02 -8.59 6.60
C LEU A 46 -30.92 -7.36 6.66
N ALA A 47 -31.58 -7.06 5.53
CA ALA A 47 -32.41 -5.87 5.40
C ALA A 47 -33.52 -5.97 6.43
N ASP A 48 -34.09 -7.16 6.53
CA ASP A 48 -35.13 -7.43 7.49
C ASP A 48 -34.61 -7.22 8.90
N LEU A 49 -33.46 -7.80 9.20
CA LEU A 49 -32.87 -7.71 10.52
C LEU A 49 -32.57 -6.24 10.88
N LEU A 50 -31.98 -5.50 9.96
CA LEU A 50 -31.68 -4.10 10.19
C LEU A 50 -32.94 -3.23 10.38
N SER A 51 -34.00 -3.53 9.63
CA SER A 51 -35.15 -2.63 9.64
C SER A 51 -36.05 -2.91 10.82
N LYS A 52 -35.97 -4.13 11.33
CA LYS A 52 -36.71 -4.56 12.50
C LYS A 52 -35.82 -4.37 13.73
N SER A 53 -34.68 -3.73 13.54
CA SER A 53 -33.78 -3.42 14.63
C SER A 53 -34.23 -2.20 15.40
N ASP A 54 -33.84 -2.16 16.67
CA ASP A 54 -33.90 -0.94 17.46
C ASP A 54 -32.98 0.12 16.84
N LYS A 55 -33.59 1.11 16.18
CA LYS A 55 -32.90 2.24 15.57
C LYS A 55 -31.90 2.95 16.49
N THR A 56 -32.14 2.90 17.79
CA THR A 56 -31.28 3.55 18.78
C THR A 56 -29.89 2.92 18.85
N ILE A 57 -29.80 1.61 18.58
CA ILE A 57 -28.55 0.84 18.66
C ILE A 57 -28.11 0.17 17.34
N ILE A 58 -28.54 0.73 16.22
CA ILE A 58 -28.15 0.25 14.92
C ILE A 58 -26.61 0.16 14.78
N ASP A 59 -25.91 1.12 15.40
CA ASP A 59 -24.46 1.20 15.27
C ASP A 59 -23.75 0.03 15.93
N LYS A 60 -24.46 -0.71 16.78
CA LYS A 60 -23.89 -1.93 17.36
C LYS A 60 -24.29 -3.16 16.54
N VAL A 61 -25.56 -3.19 16.15
CA VAL A 61 -26.10 -4.28 15.32
C VAL A 61 -25.24 -4.50 14.07
N VAL A 62 -24.84 -3.43 13.40
CA VAL A 62 -24.07 -3.56 12.16
C VAL A 62 -22.73 -4.29 12.30
N TYR A 63 -22.14 -4.29 13.49
CA TYR A 63 -20.90 -5.02 13.72
C TYR A 63 -21.21 -6.40 14.28
N ILE A 64 -22.17 -6.47 15.17
CA ILE A 64 -22.57 -7.78 15.73
C ILE A 64 -22.86 -8.80 14.63
N ILE A 65 -23.61 -8.38 13.61
CA ILE A 65 -24.02 -9.29 12.53
C ILE A 65 -22.88 -9.79 11.65
N GLN A 66 -21.75 -9.09 11.72
CA GLN A 66 -20.54 -9.54 11.08
C GLN A 66 -19.69 -10.37 12.05
N GLY A 67 -20.13 -10.49 13.30
CA GLY A 67 -19.32 -11.15 14.35
C GLY A 67 -18.34 -10.25 15.07
N LYS A 68 -18.61 -8.95 15.14
CA LYS A 68 -17.66 -7.99 15.71
C LYS A 68 -18.40 -7.11 16.67
N LEU A 69 -17.65 -6.35 17.46
CA LEU A 69 -18.27 -5.40 18.36
C LEU A 69 -18.13 -3.98 17.86
N TRP A 70 -17.09 -3.75 17.06
CA TRP A 70 -16.72 -2.38 16.65
C TRP A 70 -15.80 -2.41 15.44
N PRO A 71 -15.62 -1.27 14.76
CA PRO A 71 -14.75 -1.36 13.59
C PRO A 71 -13.28 -1.57 13.95
N ASP A 72 -12.52 -2.18 13.05
CA ASP A 72 -11.10 -2.45 13.29
C ASP A 72 -10.29 -1.22 13.60
N PHE A 73 -10.64 -0.11 12.97
CA PHE A 73 -9.80 1.07 13.04
C PHE A 73 -9.73 1.63 14.44
N LEU A 74 -10.63 1.22 15.31
CA LEU A 74 -10.59 1.75 16.68
C LEU A 74 -9.40 1.25 17.45
N GLY A 75 -8.86 0.11 17.05
CA GLY A 75 -7.68 -0.48 17.67
C GLY A 75 -8.03 -1.18 18.98
N TYR A 76 -9.32 -1.52 19.16
CA TYR A 76 -9.72 -2.09 20.45
C TYR A 76 -9.30 -3.54 20.48
N PRO A 77 -9.10 -4.09 21.69
CA PRO A 77 -8.81 -5.50 21.87
C PRO A 77 -9.84 -6.36 21.16
N GLU A 78 -9.39 -7.41 20.48
CA GLU A 78 -10.32 -8.34 19.87
C GLU A 78 -10.97 -9.16 20.99
N LEU A 79 -12.21 -9.55 20.74
CA LEU A 79 -12.94 -10.36 21.70
C LEU A 79 -12.37 -11.76 21.63
N GLY A 80 -12.00 -12.27 22.79
CA GLY A 80 -11.57 -13.66 22.89
C GLY A 80 -11.31 -14.11 24.31
N ILE A 81 -11.29 -15.43 24.48
CA ILE A 81 -10.96 -16.03 25.76
C ILE A 81 -10.30 -17.38 25.46
N GLY A 82 -9.38 -17.81 26.32
CA GLY A 82 -8.85 -19.17 26.22
C GLY A 82 -10.00 -20.18 26.14
N GLU A 83 -9.81 -21.23 25.34
CA GLU A 83 -10.81 -22.30 25.19
C GLU A 83 -11.14 -23.01 26.51
N LYS A 84 -10.14 -23.23 27.34
CA LYS A 84 -10.38 -23.86 28.64
C LYS A 84 -11.32 -23.00 29.45
N PHE A 85 -11.15 -21.68 29.32
CA PHE A 85 -11.97 -20.70 30.02
C PHE A 85 -13.39 -20.64 29.46
N LEU A 86 -13.51 -20.75 28.15
CA LEU A 86 -14.83 -20.87 27.55
C LEU A 86 -15.53 -22.10 28.09
N ILE A 87 -14.80 -23.22 28.18
CA ILE A 87 -15.38 -24.44 28.72
C ILE A 87 -15.84 -24.26 30.16
N LYS A 88 -15.04 -23.53 30.93
CA LYS A 88 -15.42 -23.21 32.30
C LYS A 88 -16.73 -22.41 32.30
N ALA A 89 -16.80 -21.37 31.46
CA ALA A 89 -18.01 -20.55 31.37
C ALA A 89 -19.27 -21.35 31.02
N ILE A 90 -19.19 -22.21 30.00
CA ILE A 90 -20.29 -23.08 29.59
C ILE A 90 -20.67 -24.02 30.71
N SER A 91 -19.65 -24.60 31.35
CA SER A 91 -19.81 -25.49 32.47
C SER A 91 -20.61 -24.82 33.60
N ILE A 92 -20.21 -23.59 33.96
CA ILE A 92 -20.94 -22.77 34.95
C ILE A 92 -22.39 -22.52 34.52
N ALA A 93 -22.55 -22.09 33.27
CA ALA A 93 -23.85 -21.68 32.75
C ALA A 93 -24.85 -22.82 32.65
N THR A 94 -24.36 -24.03 32.43
CA THR A 94 -25.25 -25.16 32.15
C THR A 94 -25.29 -26.11 33.32
N ASN A 95 -24.60 -25.73 34.40
CA ASN A 95 -24.43 -26.56 35.61
C ASN A 95 -24.02 -28.02 35.31
N THR A 96 -23.11 -28.17 34.33
CA THR A 96 -22.49 -29.43 34.00
C THR A 96 -21.01 -29.26 34.27
N ASP A 97 -20.36 -30.27 34.85
CA ASP A 97 -18.93 -30.18 35.14
C ASP A 97 -18.06 -30.06 33.88
N GLU A 98 -16.85 -29.52 34.04
CA GLU A 98 -15.95 -29.23 32.92
C GLU A 98 -15.58 -30.45 32.11
N ASN A 99 -15.47 -31.59 32.79
CA ASN A 99 -15.13 -32.85 32.13
C ASN A 99 -16.17 -33.22 31.08
N SER A 100 -17.44 -33.16 31.46
CA SER A 100 -18.53 -33.52 30.57
C SER A 100 -18.60 -32.57 29.39
N VAL A 101 -18.40 -31.27 29.65
CA VAL A 101 -18.32 -30.27 28.58
C VAL A 101 -17.13 -30.63 27.68
N GLU A 102 -15.99 -30.97 28.29
CA GLU A 102 -14.81 -31.35 27.52
C GLU A 102 -15.11 -32.54 26.59
N ASN A 103 -15.72 -33.58 27.16
CA ASN A 103 -15.99 -34.82 26.42
C ASN A 103 -17.01 -34.67 25.29
N LEU A 104 -18.04 -33.84 25.52
CA LEU A 104 -18.98 -33.50 24.46
C LEU A 104 -18.30 -32.74 23.35
N TYR A 105 -17.27 -31.96 23.70
CA TYR A 105 -16.57 -31.12 22.73
C TYR A 105 -15.83 -31.95 21.68
N LYS A 106 -15.22 -33.05 22.11
CA LYS A 106 -14.50 -33.96 21.21
C LYS A 106 -15.43 -34.46 20.10
N THR A 107 -16.57 -35.03 20.51
CA THR A 107 -17.52 -35.68 19.60
C THR A 107 -18.29 -34.69 18.73
N ILE A 108 -18.48 -33.47 19.24
CA ILE A 108 -19.25 -32.45 18.53
C ILE A 108 -18.35 -31.52 17.70
N GLY A 109 -17.20 -31.16 18.24
CA GLY A 109 -16.24 -30.31 17.53
C GLY A 109 -16.56 -28.82 17.46
N ASP A 110 -17.60 -28.38 18.16
CA ASP A 110 -17.95 -26.96 18.26
C ASP A 110 -18.55 -26.69 19.63
N LEU A 111 -17.91 -25.82 20.41
CA LEU A 111 -18.37 -25.52 21.76
C LEU A 111 -19.72 -24.82 21.77
N GLY A 112 -20.00 -24.09 20.70
CA GLY A 112 -21.30 -23.47 20.49
C GLY A 112 -22.40 -24.51 20.48
N GLU A 113 -22.21 -25.57 19.70
CA GLU A 113 -23.22 -26.62 19.61
C GLU A 113 -23.31 -27.40 20.91
N VAL A 114 -22.16 -27.66 21.54
CA VAL A 114 -22.09 -28.26 22.88
C VAL A 114 -22.94 -27.43 23.85
N ALA A 115 -22.68 -26.13 23.88
CA ALA A 115 -23.43 -25.19 24.71
C ALA A 115 -24.93 -25.33 24.44
N ARG A 116 -25.30 -25.34 23.16
CA ARG A 116 -26.68 -25.49 22.72
C ARG A 116 -27.32 -26.77 23.28
N ARG A 117 -26.61 -27.88 23.10
CA ARG A 117 -27.09 -29.19 23.54
C ARG A 117 -27.27 -29.23 25.05
N LEU A 118 -26.26 -28.76 25.78
CA LEU A 118 -26.32 -28.71 27.24
C LEU A 118 -27.37 -27.72 27.77
N LYS A 119 -27.66 -26.67 26.99
CA LYS A 119 -28.74 -25.74 27.33
C LYS A 119 -30.13 -26.34 27.10
N SER A 120 -30.28 -27.05 25.99
CA SER A 120 -31.57 -27.61 25.61
C SER A 120 -31.84 -28.93 26.34
N LYS A 121 -30.88 -29.36 27.15
CA LYS A 121 -31.05 -30.53 27.97
C LYS A 121 -31.75 -30.14 29.28
N GLN A 122 -31.73 -28.85 29.59
CA GLN A 122 -32.34 -28.33 30.83
C GLN A 122 -33.33 -27.19 30.56
N LYS A 136 -36.70 -15.14 33.55
CA LYS A 136 -37.63 -15.29 32.43
C LYS A 136 -37.39 -14.23 31.36
N GLU A 137 -36.71 -13.15 31.74
CA GLU A 137 -36.40 -12.07 30.79
C GLU A 137 -35.32 -12.50 29.81
N SER A 138 -35.62 -12.41 28.52
CA SER A 138 -34.66 -12.85 27.50
C SER A 138 -33.57 -11.81 27.24
N LEU A 139 -32.40 -12.27 26.79
CA LEU A 139 -31.25 -11.41 26.50
C LEU A 139 -31.57 -10.29 25.51
N THR A 140 -31.15 -9.07 25.85
CA THR A 140 -31.25 -7.96 24.93
C THR A 140 -29.95 -7.81 24.19
N VAL A 141 -30.02 -7.26 22.99
CA VAL A 141 -28.82 -6.97 22.23
C VAL A 141 -27.92 -6.03 23.04
N ASP A 142 -28.55 -5.10 23.73
CA ASP A 142 -27.86 -4.15 24.59
C ASP A 142 -27.00 -4.84 25.65
N GLU A 143 -27.57 -5.82 26.36
CA GLU A 143 -26.78 -6.50 27.39
C GLU A 143 -25.68 -7.38 26.77
N VAL A 144 -26.02 -8.12 25.71
CA VAL A 144 -25.03 -8.87 24.98
C VAL A 144 -23.87 -7.97 24.57
N TYR A 145 -24.19 -6.81 24.02
CA TYR A 145 -23.17 -5.90 23.55
C TYR A 145 -22.33 -5.38 24.73
N SER A 146 -22.98 -4.88 25.77
CA SER A 146 -22.23 -4.33 26.90
C SER A 146 -21.42 -5.42 27.59
N THR A 147 -22.00 -6.60 27.73
CA THR A 147 -21.28 -7.68 28.39
C THR A 147 -20.07 -8.08 27.55
N LEU A 148 -20.29 -8.32 26.27
CA LEU A 148 -19.17 -8.73 25.42
C LEU A 148 -18.08 -7.67 25.30
N SER A 149 -18.44 -6.38 25.32
CA SER A 149 -17.47 -5.27 25.33
C SER A 149 -16.61 -5.39 26.56
N LYS A 150 -17.26 -5.59 27.71
CA LYS A 150 -16.57 -5.81 28.97
C LYS A 150 -15.57 -6.97 28.84
N VAL A 151 -16.02 -8.11 28.32
CA VAL A 151 -15.16 -9.26 28.13
C VAL A 151 -13.95 -8.93 27.25
N ALA A 152 -14.17 -8.15 26.19
CA ALA A 152 -13.08 -7.75 25.30
C ALA A 152 -12.08 -6.82 25.96
N LEU A 153 -12.59 -5.87 26.75
CA LEU A 153 -11.77 -4.78 27.27
C LEU A 153 -11.10 -5.05 28.61
N THR A 154 -11.64 -6.00 29.39
CA THR A 154 -11.09 -6.33 30.72
C THR A 154 -9.69 -6.93 30.60
N THR A 155 -8.74 -6.36 31.34
CA THR A 155 -7.34 -6.83 31.31
C THR A 155 -6.68 -6.92 32.66
N GLY A 156 -5.50 -7.53 32.67
CA GLY A 156 -4.75 -7.68 33.91
C GLY A 156 -5.11 -8.92 34.71
N GLU A 157 -4.92 -8.81 36.03
CA GLU A 157 -4.92 -9.96 36.92
C GLU A 157 -6.27 -10.64 37.16
N GLY A 158 -7.31 -9.88 37.47
CA GLY A 158 -8.61 -10.50 37.71
C GLY A 158 -9.41 -10.73 36.43
N SER A 159 -8.78 -10.60 35.27
CA SER A 159 -9.49 -10.64 34.00
C SER A 159 -9.98 -12.03 33.59
N ARG A 160 -9.11 -13.05 33.70
CA ARG A 160 -9.54 -14.43 33.45
C ARG A 160 -10.86 -14.72 34.15
N ASP A 161 -10.90 -14.51 35.47
CA ASP A 161 -12.08 -14.89 36.24
C ASP A 161 -13.30 -14.02 35.92
N LEU A 162 -13.07 -12.73 35.67
CA LEU A 162 -14.14 -11.83 35.25
C LEU A 162 -14.71 -12.21 33.90
N LYS A 163 -13.84 -12.46 32.93
CA LYS A 163 -14.33 -12.87 31.62
C LYS A 163 -15.22 -14.08 31.80
N ILE A 164 -14.71 -15.09 32.52
CA ILE A 164 -15.46 -16.33 32.71
C ILE A 164 -16.84 -16.06 33.33
N ARG A 165 -16.89 -15.31 34.44
CA ARG A 165 -18.14 -14.99 35.12
C ARG A 165 -19.13 -14.25 34.22
N LEU A 166 -18.62 -13.23 33.53
CA LEU A 166 -19.41 -12.47 32.57
C LEU A 166 -20.02 -13.33 31.49
N LEU A 167 -19.21 -14.19 30.90
CA LEU A 167 -19.69 -15.08 29.85
C LEU A 167 -20.70 -16.09 30.35
N ALA A 168 -20.40 -16.66 31.52
CA ALA A 168 -21.29 -17.64 32.13
C ALA A 168 -22.67 -17.04 32.40
N GLY A 169 -22.70 -15.83 32.97
CA GLY A 169 -23.95 -15.11 33.21
C GLY A 169 -24.73 -14.90 31.92
N LEU A 170 -24.01 -14.53 30.87
CA LEU A 170 -24.58 -14.39 29.53
C LEU A 170 -25.16 -15.69 29.00
N LEU A 171 -24.36 -16.75 29.07
CA LEU A 171 -24.77 -18.04 28.56
C LEU A 171 -25.95 -18.61 29.34
N LYS A 172 -26.01 -18.27 30.63
CA LYS A 172 -27.10 -18.65 31.52
C LYS A 172 -28.41 -18.00 31.05
N LYS A 173 -28.36 -16.69 30.79
CA LYS A 173 -29.52 -15.92 30.38
C LYS A 173 -29.95 -16.32 28.97
N ALA A 174 -28.98 -16.71 28.15
CA ALA A 174 -29.23 -17.16 26.80
C ALA A 174 -30.16 -18.36 26.71
N ASP A 175 -30.97 -18.40 25.67
CA ASP A 175 -31.70 -19.60 25.32
C ASP A 175 -30.70 -20.52 24.60
N PRO A 176 -31.04 -21.80 24.38
CA PRO A 176 -30.09 -22.69 23.69
C PRO A 176 -29.42 -22.10 22.44
N LEU A 177 -30.21 -21.54 21.53
CA LEU A 177 -29.64 -21.03 20.28
C LEU A 177 -28.78 -19.79 20.50
N GLU A 178 -29.21 -18.91 21.40
CA GLU A 178 -28.43 -17.72 21.72
C GLU A 178 -27.06 -18.15 22.26
N ALA A 179 -27.06 -19.16 23.13
CA ALA A 179 -25.83 -19.65 23.74
C ALA A 179 -24.85 -20.15 22.69
N LYS A 180 -25.38 -20.90 21.71
CA LYS A 180 -24.56 -21.43 20.63
C LYS A 180 -23.83 -20.28 19.93
N PHE A 181 -24.59 -19.23 19.61
CA PHE A 181 -23.99 -18.17 18.82
C PHE A 181 -23.18 -17.18 19.64
N LEU A 182 -23.48 -17.10 20.94
CA LEU A 182 -22.62 -16.34 21.85
C LEU A 182 -21.27 -17.03 21.95
N VAL A 183 -21.27 -18.35 22.06
CA VAL A 183 -20.01 -19.06 22.17
C VAL A 183 -19.22 -18.75 20.90
N ARG A 184 -19.83 -19.01 19.74
CA ARG A 184 -19.14 -18.79 18.47
C ARG A 184 -18.59 -17.38 18.32
N PHE A 185 -19.39 -16.41 18.74
CA PHE A 185 -19.03 -14.99 18.66
C PHE A 185 -17.72 -14.72 19.43
N VAL A 186 -17.73 -15.07 20.72
CA VAL A 186 -16.56 -14.90 21.60
C VAL A 186 -15.33 -15.65 21.10
N GLU A 187 -15.54 -16.87 20.59
CA GLU A 187 -14.49 -17.71 20.00
C GLU A 187 -13.95 -17.16 18.70
N GLY A 188 -14.63 -16.18 18.13
CA GLY A 188 -14.39 -15.79 16.74
C GLY A 188 -14.67 -16.92 15.74
N ARG A 189 -15.71 -17.69 15.97
CA ARG A 189 -16.05 -18.83 15.10
C ARG A 189 -17.50 -18.74 14.59
N LEU A 190 -18.04 -17.52 14.59
CA LEU A 190 -19.18 -17.22 13.76
C LEU A 190 -18.47 -17.09 12.44
N ARG A 191 -18.85 -17.92 11.49
CA ARG A 191 -18.21 -17.90 10.21
C ARG A 191 -19.17 -17.15 9.33
N VAL A 192 -19.29 -15.83 9.52
CA VAL A 192 -20.38 -15.14 8.85
C VAL A 192 -20.00 -15.02 7.36
N GLY A 193 -18.76 -14.60 7.09
CA GLY A 193 -18.30 -14.27 5.74
C GLY A 193 -19.11 -13.09 5.18
N ILE A 194 -19.33 -12.08 6.01
CA ILE A 194 -19.95 -10.87 5.50
C ILE A 194 -19.15 -9.69 6.00
N GLY A 195 -18.97 -8.71 5.14
CA GLY A 195 -18.19 -7.52 5.47
C GLY A 195 -18.99 -6.24 5.46
N ASP A 196 -18.29 -5.13 5.56
CA ASP A 196 -18.94 -3.81 5.60
C ASP A 196 -19.78 -3.60 4.36
N ALA A 197 -19.25 -3.96 3.18
CA ALA A 197 -19.97 -3.84 1.91
C ALA A 197 -21.33 -4.55 1.91
N THR A 198 -21.37 -5.73 2.49
CA THR A 198 -22.59 -6.54 2.56
C THR A 198 -23.62 -5.82 3.42
N VAL A 199 -23.15 -5.26 4.52
CA VAL A 199 -24.04 -4.56 5.43
C VAL A 199 -24.47 -3.23 4.79
N LEU A 200 -23.56 -2.51 4.16
CA LEU A 200 -23.94 -1.26 3.46
C LEU A 200 -25.03 -1.52 2.44
N ASP A 201 -24.84 -2.57 1.64
CA ASP A 201 -25.89 -3.01 0.71
C ASP A 201 -27.22 -3.26 1.45
N ALA A 202 -27.18 -3.97 2.57
CA ALA A 202 -28.45 -4.29 3.24
C ALA A 202 -29.08 -3.01 3.81
N MET A 203 -28.24 -2.04 4.19
CA MET A 203 -28.72 -0.75 4.72
C MET A 203 -29.43 0.07 3.64
N ALA A 204 -28.90 0.01 2.42
CA ALA A 204 -29.57 0.57 1.24
C ALA A 204 -30.97 0.00 1.12
N ILE A 205 -31.08 -1.32 1.29
CA ILE A 205 -32.35 -1.99 1.07
C ILE A 205 -33.26 -1.71 2.24
N ALA A 206 -32.74 -1.83 3.45
CA ALA A 206 -33.57 -1.70 4.65
C ALA A 206 -34.06 -0.27 4.91
N PHE A 207 -33.24 0.73 4.61
CA PHE A 207 -33.50 2.09 5.07
C PHE A 207 -33.51 3.08 3.94
N GLY A 208 -32.85 2.75 2.83
CA GLY A 208 -32.68 3.73 1.76
C GLY A 208 -33.76 3.63 0.71
N GLY A 209 -34.68 2.69 0.89
CA GLY A 209 -35.75 2.49 -0.10
C GLY A 209 -35.42 1.54 -1.24
N GLY A 210 -34.19 1.07 -1.33
CA GLY A 210 -33.84 0.03 -2.28
C GLY A 210 -32.46 0.20 -2.83
N GLN A 211 -32.15 -0.57 -3.85
CA GLN A 211 -30.80 -0.58 -4.40
C GLN A 211 -30.33 0.81 -4.88
N SER A 212 -31.26 1.68 -5.30
CA SER A 212 -30.88 3.03 -5.73
C SER A 212 -30.13 3.83 -4.65
N ALA A 213 -30.34 3.50 -3.37
CA ALA A 213 -29.66 4.17 -2.27
C ALA A 213 -28.18 3.77 -2.10
N SER A 214 -27.72 2.79 -2.87
CA SER A 214 -26.39 2.20 -2.65
C SER A 214 -25.31 3.23 -2.82
N GLU A 215 -25.43 4.01 -3.89
CA GLU A 215 -24.40 4.97 -4.26
C GLU A 215 -24.21 6.04 -3.19
N ILE A 216 -25.29 6.60 -2.67
CA ILE A 216 -25.12 7.63 -1.64
C ILE A 216 -24.49 7.02 -0.39
N ILE A 217 -24.96 5.83 0.01
CA ILE A 217 -24.46 5.14 1.17
C ILE A 217 -22.98 4.76 1.00
N GLU A 218 -22.60 4.20 -0.14
CA GLU A 218 -21.19 3.91 -0.43
C GLU A 218 -20.28 5.14 -0.40
N ARG A 219 -20.73 6.24 -0.99
CA ARG A 219 -19.95 7.47 -1.02
C ARG A 219 -19.69 7.96 0.40
N ALA A 220 -20.72 7.93 1.25
CA ALA A 220 -20.58 8.37 2.63
C ALA A 220 -19.60 7.46 3.37
N TYR A 221 -19.76 6.15 3.26
CA TYR A 221 -18.87 5.23 3.94
C TYR A 221 -17.42 5.44 3.44
N ASN A 222 -17.23 5.69 2.14
CA ASN A 222 -15.86 5.92 1.60
C ASN A 222 -15.19 7.13 2.24
N LEU A 223 -16.00 8.13 2.57
CA LEU A 223 -15.51 9.33 3.26
C LEU A 223 -15.34 9.09 4.73
N ARG A 224 -16.10 8.13 5.26
CA ARG A 224 -16.16 7.91 6.69
C ARG A 224 -16.43 6.43 6.94
N ALA A 225 -15.35 5.64 6.97
CA ALA A 225 -15.45 4.18 6.84
C ALA A 225 -15.82 3.59 8.18
N ASP A 226 -16.97 4.02 8.70
CA ASP A 226 -17.43 3.59 9.99
C ASP A 226 -18.87 3.22 9.75
N LEU A 227 -19.10 1.91 9.59
CA LEU A 227 -20.42 1.41 9.36
C LEU A 227 -21.44 1.91 10.37
N GLY A 228 -21.07 1.94 11.63
CA GLY A 228 -21.99 2.34 12.71
C GLY A 228 -22.37 3.81 12.62
N ASN A 229 -21.40 4.65 12.29
CA ASN A 229 -21.60 6.09 12.10
C ASN A 229 -22.56 6.32 10.94
N ILE A 230 -22.38 5.59 9.84
CA ILE A 230 -23.23 5.76 8.69
C ILE A 230 -24.64 5.27 9.03
N ALA A 231 -24.78 4.12 9.69
CA ALA A 231 -26.11 3.55 9.99
C ALA A 231 -26.90 4.51 10.85
N LYS A 232 -26.26 4.97 11.93
CA LYS A 232 -26.77 6.04 12.79
C LYS A 232 -27.33 7.22 12.03
N ILE A 233 -26.56 7.79 11.12
CA ILE A 233 -27.05 8.94 10.36
C ILE A 233 -28.30 8.56 9.54
N ILE A 234 -28.21 7.48 8.76
CA ILE A 234 -29.32 7.02 7.94
C ILE A 234 -30.59 6.86 8.77
N VAL A 235 -30.46 6.19 9.90
CA VAL A 235 -31.58 5.88 10.78
C VAL A 235 -32.17 7.13 11.45
N GLU A 236 -31.32 8.00 11.97
CA GLU A 236 -31.75 9.21 12.68
C GLU A 236 -32.18 10.35 11.77
N LYS A 237 -31.35 10.68 10.78
CA LYS A 237 -31.57 11.85 9.94
C LYS A 237 -32.02 11.50 8.51
N GLY A 238 -32.08 10.21 8.21
CA GLY A 238 -32.38 9.75 6.85
C GLY A 238 -31.21 9.72 5.89
N ILE A 239 -31.45 9.10 4.74
CA ILE A 239 -30.47 8.95 3.67
C ILE A 239 -29.95 10.25 3.09
N GLU A 240 -30.84 11.22 2.86
CA GLU A 240 -30.44 12.49 2.25
C GLU A 240 -29.34 13.22 3.03
N ALA A 241 -29.30 12.99 4.34
CA ALA A 241 -28.28 13.57 5.19
C ALA A 241 -26.87 13.06 4.85
N LEU A 242 -26.79 11.95 4.11
CA LEU A 242 -25.51 11.37 3.77
C LEU A 242 -24.84 12.13 2.65
N LYS A 243 -25.65 12.80 1.81
CA LYS A 243 -25.10 13.46 0.61
C LYS A 243 -24.10 14.58 0.92
N THR A 244 -24.22 15.17 2.10
CA THR A 244 -23.37 16.29 2.44
C THR A 244 -22.27 15.85 3.43
N LEU A 245 -22.26 14.55 3.73
CA LEU A 245 -21.28 13.95 4.65
C LEU A 245 -19.87 14.31 4.23
N LYS A 246 -19.08 14.74 5.20
CA LYS A 246 -17.67 14.99 5.02
C LYS A 246 -16.85 14.03 5.90
N PRO A 247 -15.55 13.89 5.62
CA PRO A 247 -14.72 13.11 6.55
C PRO A 247 -14.86 13.61 8.00
N GLN A 248 -14.60 12.72 8.94
CA GLN A 248 -14.48 13.08 10.34
C GLN A 248 -13.11 12.64 10.81
N VAL A 249 -12.28 13.58 11.25
CA VAL A 249 -10.96 13.28 11.79
C VAL A 249 -11.12 12.25 12.90
N GLY A 250 -10.36 11.14 12.79
CA GLY A 250 -10.45 10.03 13.74
C GLY A 250 -11.08 8.82 13.12
N ILE A 251 -11.82 9.04 12.04
CA ILE A 251 -12.49 7.97 11.27
C ILE A 251 -11.84 7.93 9.91
N PRO A 252 -11.29 6.75 9.56
CA PRO A 252 -10.56 6.66 8.30
C PRO A 252 -11.44 6.90 7.09
N ILE A 253 -10.81 7.48 6.09
CA ILE A 253 -11.36 7.62 4.77
C ILE A 253 -10.87 6.38 4.00
N ARG A 254 -11.71 5.83 3.16
CA ARG A 254 -11.23 4.67 2.39
C ARG A 254 -10.16 5.17 1.41
N PRO A 255 -8.98 4.52 1.41
CA PRO A 255 -7.89 4.99 0.53
C PRO A 255 -8.31 5.04 -0.94
N MET A 256 -7.98 6.12 -1.63
CA MET A 256 -8.11 6.18 -3.06
C MET A 256 -7.16 5.16 -3.68
N LEU A 257 -7.65 4.37 -4.63
CA LEU A 257 -6.83 3.31 -5.26
C LEU A 257 -6.41 3.76 -6.65
N ALA A 258 -5.53 3.02 -7.30
CA ALA A 258 -4.93 3.46 -8.53
C ALA A 258 -5.21 2.44 -9.60
N GLU A 259 -5.49 2.93 -10.81
CA GLU A 259 -5.46 2.06 -11.97
C GLU A 259 -4.01 1.63 -12.25
N ARG A 260 -3.82 0.84 -13.29
CA ARG A 260 -2.48 0.40 -13.65
C ARG A 260 -2.40 0.29 -15.14
N LEU A 261 -1.28 0.73 -15.69
CA LEU A 261 -1.01 0.55 -17.11
C LEU A 261 0.48 0.37 -17.24
N SER A 262 0.95 -0.27 -18.30
CA SER A 262 2.39 -0.45 -18.37
C SER A 262 3.02 0.42 -19.43
N ASN A 263 2.19 1.16 -20.16
CA ASN A 263 2.63 2.03 -21.25
C ASN A 263 2.61 3.50 -20.83
N PRO A 264 3.78 4.13 -20.68
CA PRO A 264 3.87 5.52 -20.20
C PRO A 264 3.10 6.50 -21.09
N GLU A 265 3.11 6.28 -22.40
CA GLU A 265 2.39 7.16 -23.31
C GLU A 265 0.88 7.06 -23.13
N GLU A 266 0.39 5.84 -22.89
CA GLU A 266 -1.03 5.63 -22.66
C GLU A 266 -1.45 6.33 -21.37
N ILE A 267 -0.57 6.27 -20.37
CA ILE A 267 -0.85 6.87 -19.10
C ILE A 267 -1.02 8.39 -19.24
N LEU A 268 -0.07 9.04 -19.91
CA LEU A 268 -0.11 10.50 -19.92
C LEU A 268 -1.28 10.97 -20.79
N LYS A 269 -1.70 10.15 -21.76
CA LYS A 269 -2.88 10.50 -22.54
C LYS A 269 -4.14 10.52 -21.67
N LYS A 270 -4.27 9.52 -20.81
CA LYS A 270 -5.33 9.47 -19.78
C LYS A 270 -5.37 10.71 -18.90
N MET A 271 -4.19 11.33 -18.77
CA MET A 271 -3.98 12.41 -17.85
C MET A 271 -4.10 13.77 -18.50
N GLY A 272 -4.40 13.81 -19.79
CA GLY A 272 -4.45 15.08 -20.48
C GLY A 272 -3.05 15.60 -20.79
N GLY A 273 -2.06 14.71 -20.78
CA GLY A 273 -0.70 15.08 -21.20
C GLY A 273 0.09 15.79 -20.12
N ASN A 274 -0.41 15.68 -18.89
CA ASN A 274 0.06 16.47 -17.77
C ASN A 274 -0.13 15.64 -16.52
N ALA A 275 0.84 15.60 -15.60
CA ALA A 275 0.57 14.83 -14.39
C ALA A 275 1.58 15.11 -13.33
N ILE A 276 1.20 14.81 -12.10
CA ILE A 276 2.16 14.77 -11.01
C ILE A 276 2.56 13.33 -10.95
N VAL A 277 3.87 13.10 -10.87
CA VAL A 277 4.40 11.75 -10.84
C VAL A 277 5.14 11.56 -9.51
N ASP A 278 4.65 10.65 -8.66
CA ASP A 278 5.31 10.33 -7.40
C ASP A 278 6.10 9.02 -7.49
N TYR A 279 7.21 8.98 -6.77
CA TYR A 279 7.91 7.73 -6.55
CA TYR A 279 7.90 7.72 -6.53
C TYR A 279 6.92 6.79 -5.86
N LYS A 280 6.91 5.53 -6.26
CA LYS A 280 6.03 4.58 -5.59
C LYS A 280 6.90 3.87 -4.58
N TYR A 281 6.61 4.10 -3.32
CA TYR A 281 7.44 3.58 -2.22
C TYR A 281 6.99 2.18 -1.81
N ASP A 282 7.90 1.37 -1.33
CA ASP A 282 7.55 0.06 -0.82
C ASP A 282 7.51 0.17 0.70
N GLY A 283 6.39 0.58 1.25
CA GLY A 283 6.28 0.63 2.70
C GLY A 283 4.83 0.45 3.12
N GLU A 284 4.49 1.00 4.27
CA GLU A 284 3.13 0.93 4.76
C GLU A 284 2.40 2.19 4.32
N ARG A 285 1.26 2.08 3.64
CA ARG A 285 0.50 3.25 3.31
C ARG A 285 -0.27 3.71 4.56
N ALA A 286 0.13 4.85 5.08
CA ALA A 286 -0.35 5.31 6.36
C ALA A 286 -1.26 6.51 6.22
N GLN A 287 -2.46 6.39 6.74
CA GLN A 287 -3.38 7.52 6.80
C GLN A 287 -3.23 8.10 8.21
N ILE A 288 -2.86 9.35 8.26
CA ILE A 288 -2.44 9.96 9.49
C ILE A 288 -3.43 11.06 9.80
N HIS A 289 -4.06 10.95 10.95
CA HIS A 289 -5.09 11.86 11.38
C HIS A 289 -4.58 12.57 12.61
N LYS A 290 -4.95 13.83 12.76
CA LYS A 290 -4.63 14.58 13.97
C LYS A 290 -5.86 15.35 14.38
N LYS A 291 -6.33 15.17 15.60
CA LYS A 291 -7.45 15.97 16.07
C LYS A 291 -7.07 16.59 17.37
N GLU A 292 -7.22 17.92 17.41
CA GLU A 292 -6.55 18.84 18.34
C GLU A 292 -5.10 18.49 18.66
N ASP A 293 -4.89 17.42 19.44
CA ASP A 293 -3.53 16.95 19.72
C ASP A 293 -3.27 15.46 19.41
N LYS A 294 -4.33 14.65 19.46
CA LYS A 294 -4.20 13.20 19.33
C LYS A 294 -3.93 12.80 17.89
N ILE A 295 -2.94 11.94 17.70
CA ILE A 295 -2.54 11.50 16.37
C ILE A 295 -2.94 10.04 16.19
N PHE A 296 -3.52 9.74 15.04
CA PHE A 296 -3.92 8.36 14.73
C PHE A 296 -3.22 7.99 13.47
N ILE A 297 -2.80 6.74 13.37
CA ILE A 297 -2.25 6.22 12.14
C ILE A 297 -2.97 4.95 11.78
N PHE A 298 -3.52 4.95 10.56
CA PHE A 298 -4.25 3.79 10.07
C PHE A 298 -3.44 3.17 8.91
N SER A 299 -3.43 1.84 8.83
CA SER A 299 -2.60 1.16 7.84
C SER A 299 -3.36 1.15 6.52
N ARG A 300 -2.75 0.50 5.52
CA ARG A 300 -3.36 0.30 4.22
C ARG A 300 -4.74 -0.36 4.39
N ARG A 301 -4.86 -1.21 5.41
CA ARG A 301 -6.10 -1.94 5.66
CA ARG A 301 -6.08 -1.96 5.70
C ARG A 301 -6.99 -1.22 6.65
N LEU A 302 -6.61 0.00 7.04
CA LEU A 302 -7.38 0.77 8.00
C LEU A 302 -7.40 0.10 9.37
N GLU A 303 -6.31 -0.61 9.69
CA GLU A 303 -6.14 -1.05 11.08
C GLU A 303 -5.46 0.11 11.77
N ASN A 304 -5.64 0.19 13.09
CA ASN A 304 -4.98 1.22 13.84
C ASN A 304 -3.55 0.76 14.15
N ILE A 305 -2.55 1.43 13.56
CA ILE A 305 -1.17 1.02 13.79
C ILE A 305 -0.41 2.09 14.56
N THR A 306 -1.15 3.01 15.19
CA THR A 306 -0.54 4.15 15.87
C THR A 306 0.55 3.66 16.83
N SER A 307 0.20 2.63 17.61
CA SER A 307 1.08 2.13 18.65
C SER A 307 2.35 1.44 18.13
N GLN A 308 2.37 1.08 16.84
CA GLN A 308 3.58 0.49 16.27
C GLN A 308 4.57 1.56 15.89
N TYR A 309 4.08 2.78 15.70
CA TYR A 309 4.92 3.86 15.23
C TYR A 309 4.94 5.12 16.11
N PRO A 310 5.41 5.00 17.35
CA PRO A 310 5.47 6.22 18.16
C PRO A 310 6.49 7.19 17.59
N ASP A 311 7.46 6.66 16.84
CA ASP A 311 8.43 7.50 16.13
C ASP A 311 7.73 8.34 15.06
N VAL A 312 6.82 7.72 14.29
CA VAL A 312 6.00 8.46 13.31
C VAL A 312 5.07 9.46 14.02
N VAL A 313 4.41 9.02 15.08
CA VAL A 313 3.60 9.95 15.88
C VAL A 313 4.43 11.21 16.24
N ASP A 314 5.64 11.00 16.77
CA ASP A 314 6.56 12.10 17.07
C ASP A 314 6.93 12.99 15.89
N TYR A 315 7.21 12.38 14.73
CA TYR A 315 7.55 13.18 13.57
C TYR A 315 6.38 14.06 13.16
N VAL A 316 5.18 13.49 13.22
CA VAL A 316 3.98 14.21 12.81
C VAL A 316 3.73 15.39 13.75
N SER A 317 3.79 15.14 15.05
CA SER A 317 3.45 16.18 15.99
C SER A 317 4.51 17.28 15.96
N LYS A 318 5.75 16.89 15.72
CA LYS A 318 6.85 17.85 15.64
C LYS A 318 6.89 18.64 14.34
N TYR A 319 6.69 17.97 13.19
CA TYR A 319 7.03 18.59 11.90
C TYR A 319 5.87 18.94 11.01
N ILE A 320 4.65 18.67 11.45
CA ILE A 320 3.50 18.98 10.60
C ILE A 320 2.66 20.04 11.31
N GLU A 321 2.53 21.21 10.68
CA GLU A 321 1.73 22.31 11.19
C GLU A 321 0.23 22.07 10.93
N GLY A 322 -0.61 22.33 11.94
CA GLY A 322 -2.04 22.15 11.77
C GLY A 322 -2.70 21.54 12.97
N LYS A 323 -3.92 22.01 13.26
CA LYS A 323 -4.68 21.66 14.48
C LYS A 323 -5.23 20.27 14.28
N GLU A 324 -5.72 20.02 13.06
CA GLU A 324 -6.36 18.80 12.77
C GLU A 324 -6.32 18.68 11.29
N PHE A 325 -6.30 17.43 10.85
CA PHE A 325 -6.08 17.09 9.48
C PHE A 325 -6.14 15.59 9.26
N ILE A 326 -6.25 15.24 7.99
CA ILE A 326 -6.10 13.86 7.54
C ILE A 326 -5.16 13.96 6.35
N ILE A 327 -4.05 13.24 6.44
CA ILE A 327 -3.10 13.16 5.35
C ILE A 327 -2.73 11.70 5.16
N GLU A 328 -1.92 11.43 4.13
CA GLU A 328 -1.60 10.06 3.77
C GLU A 328 -0.16 10.08 3.37
N GLY A 329 0.60 9.05 3.72
CA GLY A 329 1.98 8.96 3.36
C GLY A 329 2.46 7.51 3.43
N GLU A 330 3.61 7.24 2.83
CA GLU A 330 4.18 5.92 2.95
C GLU A 330 5.19 5.91 4.11
N ILE A 331 4.99 4.99 5.04
CA ILE A 331 6.01 4.69 6.04
C ILE A 331 6.98 3.70 5.44
N VAL A 332 8.25 4.10 5.33
CA VAL A 332 9.25 3.27 4.65
C VAL A 332 10.39 3.03 5.62
N ALA A 333 10.77 1.76 5.79
CA ALA A 333 11.95 1.41 6.55
C ALA A 333 13.19 1.94 5.83
N ILE A 334 14.14 2.39 6.64
CA ILE A 334 15.24 3.21 6.19
C ILE A 334 16.47 2.60 6.85
N ASP A 335 17.60 2.61 6.14
CA ASP A 335 18.85 2.06 6.66
C ASP A 335 19.46 3.05 7.66
N PRO A 336 19.65 2.60 8.92
CA PRO A 336 20.14 3.44 10.03
C PRO A 336 21.45 4.18 9.74
N GLU A 337 22.35 3.62 8.92
CA GLU A 337 23.61 4.30 8.57
C GLU A 337 23.62 5.09 7.27
N SER A 338 23.01 4.56 6.23
CA SER A 338 23.06 5.17 4.90
C SER A 338 21.72 5.79 4.60
N GLY A 339 20.76 5.48 5.45
CA GLY A 339 19.44 6.05 5.33
C GLY A 339 18.65 5.56 4.15
N GLU A 340 19.29 4.79 3.25
CA GLU A 340 18.63 4.30 2.05
C GLU A 340 17.42 3.41 2.38
N MET A 341 16.51 3.34 1.44
CA MET A 341 15.27 2.61 1.67
C MET A 341 15.44 1.09 1.70
N ARG A 342 14.68 0.48 2.60
CA ARG A 342 14.66 -0.95 2.77
C ARG A 342 13.29 -1.48 2.37
N PRO A 343 13.21 -2.74 1.93
CA PRO A 343 11.91 -3.28 1.52
C PRO A 343 10.93 -3.43 2.67
N PHE A 344 9.66 -3.52 2.29
CA PHE A 344 8.59 -3.58 3.21
C PHE A 344 8.73 -4.70 4.22
N GLN A 345 9.31 -5.83 3.83
CA GLN A 345 9.51 -6.93 4.72
C GLN A 345 10.28 -6.56 5.99
N GLU A 346 11.08 -5.50 5.90
CA GLU A 346 11.84 -5.06 7.08
C GLU A 346 10.92 -4.41 8.10
N LEU A 347 9.82 -3.82 7.64
CA LEU A 347 8.79 -3.31 8.53
C LEU A 347 8.06 -4.44 9.21
N MET A 348 7.94 -5.58 8.56
CA MET A 348 7.35 -6.75 9.20
C MET A 348 8.28 -7.31 10.23
N HIS A 349 9.59 -7.19 9.97
CA HIS A 349 10.55 -7.68 10.93
C HIS A 349 10.47 -6.79 12.17
N ARG A 350 10.38 -5.49 11.93
CA ARG A 350 10.25 -4.48 12.99
C ARG A 350 9.09 -4.79 13.91
N LYS A 351 7.93 -5.05 13.33
CA LYS A 351 6.71 -5.42 14.06
C LYS A 351 6.92 -6.58 15.04
N ARG A 352 7.84 -7.47 14.71
CA ARG A 352 8.04 -8.66 15.52
C ARG A 352 8.99 -8.43 16.70
N LYS A 353 9.70 -7.30 16.71
CA LYS A 353 10.56 -6.97 17.84
C LYS A 353 9.74 -6.72 19.10
N SER A 354 10.23 -7.25 20.22
CA SER A 354 9.55 -7.12 21.51
C SER A 354 9.78 -5.72 22.10
N ASP A 355 10.99 -5.19 21.99
CA ASP A 355 11.31 -3.88 22.54
C ASP A 355 11.13 -2.80 21.48
N ILE A 356 10.10 -1.97 21.67
CA ILE A 356 9.81 -0.88 20.74
C ILE A 356 11.00 0.05 20.46
N TYR A 357 11.84 0.33 21.46
CA TYR A 357 13.01 1.20 21.25
C TYR A 357 14.07 0.48 20.44
N GLU A 358 14.30 -0.79 20.77
CA GLU A 358 15.15 -1.67 19.95
C GLU A 358 14.61 -1.72 18.51
N ALA A 359 13.29 -1.89 18.37
CA ALA A 359 12.66 -1.98 17.06
C ALA A 359 12.91 -0.71 16.23
N ILE A 360 12.70 0.43 16.87
CA ILE A 360 12.91 1.72 16.22
C ILE A 360 14.37 1.97 15.85
N LYS A 361 15.29 1.59 16.74
CA LYS A 361 16.71 1.81 16.49
C LYS A 361 17.21 0.92 15.33
N GLU A 362 16.80 -0.34 15.34
CA GLU A 362 17.14 -1.30 14.28
C GLU A 362 16.39 -1.04 12.97
N TYR A 363 15.16 -0.59 13.07
CA TYR A 363 14.33 -0.38 11.89
C TYR A 363 13.74 1.03 11.87
N PRO A 364 14.61 2.04 11.71
CA PRO A 364 14.06 3.38 11.59
C PRO A 364 13.17 3.49 10.39
N VAL A 365 12.41 4.58 10.32
CA VAL A 365 11.47 4.78 9.26
C VAL A 365 11.51 6.25 8.81
N ASN A 366 11.13 6.51 7.56
CA ASN A 366 10.83 7.86 7.13
C ASN A 366 9.38 7.81 6.66
N VAL A 367 8.77 8.98 6.49
CA VAL A 367 7.42 9.07 5.99
C VAL A 367 7.40 9.92 4.76
N PHE A 368 6.88 9.34 3.69
CA PHE A 368 6.81 10.04 2.43
C PHE A 368 5.35 10.34 2.16
N LEU A 369 4.98 11.58 2.46
CA LEU A 369 3.61 12.00 2.45
C LEU A 369 3.22 12.29 1.02
N PHE A 370 1.99 11.97 0.67
CA PHE A 370 1.61 12.21 -0.69
C PHE A 370 0.21 12.74 -0.89
N ASP A 371 -0.62 12.77 0.15
CA ASP A 371 -1.93 13.40 -0.04
C ASP A 371 -2.45 13.99 1.24
N LEU A 372 -3.43 14.88 1.10
CA LEU A 372 -4.06 15.55 2.22
C LEU A 372 -5.51 15.61 1.86
N MET A 373 -6.36 15.18 2.78
CA MET A 373 -7.78 15.04 2.50
C MET A 373 -8.63 15.92 3.39
N TYR A 374 -8.05 16.42 4.47
CA TYR A 374 -8.80 17.27 5.40
C TYR A 374 -7.80 18.13 6.14
N TYR A 375 -8.14 19.39 6.38
CA TYR A 375 -7.24 20.26 7.11
C TYR A 375 -8.06 21.30 7.82
N GLU A 376 -7.90 21.30 9.14
CA GLU A 376 -8.53 22.27 10.03
C GLU A 376 -9.99 22.54 9.68
N ASP A 377 -10.79 21.49 9.81
CA ASP A 377 -12.25 21.59 9.68
C ASP A 377 -12.68 21.73 8.24
N VAL A 378 -11.74 21.65 7.29
CA VAL A 378 -12.09 21.85 5.87
C VAL A 378 -11.80 20.56 5.11
N ASP A 379 -12.81 20.07 4.40
CA ASP A 379 -12.71 18.88 3.58
C ASP A 379 -11.91 19.18 2.33
N TYR A 380 -10.78 18.51 2.14
CA TYR A 380 -10.02 18.70 0.90
C TYR A 380 -10.30 17.65 -0.18
N THR A 381 -11.16 16.68 0.10
CA THR A 381 -11.32 15.58 -0.85
C THR A 381 -11.93 16.05 -2.17
N THR A 382 -12.68 17.16 -2.11
CA THR A 382 -13.31 17.73 -3.27
C THR A 382 -12.42 18.73 -4.03
N LYS A 383 -11.20 18.96 -3.52
CA LYS A 383 -10.29 19.96 -4.11
C LYS A 383 -9.26 19.29 -5.00
N PRO A 384 -8.77 20.00 -6.01
CA PRO A 384 -7.85 19.39 -6.94
C PRO A 384 -6.54 18.97 -6.30
N LEU A 385 -5.95 17.91 -6.84
CA LEU A 385 -4.71 17.40 -6.31
C LEU A 385 -3.64 18.47 -6.10
N GLU A 386 -3.47 19.40 -7.07
CA GLU A 386 -2.43 20.44 -6.94
C GLU A 386 -2.67 21.28 -5.71
N ALA A 387 -3.93 21.47 -5.35
CA ALA A 387 -4.29 22.30 -4.20
C ALA A 387 -4.06 21.54 -2.89
N ARG A 388 -4.37 20.24 -2.89
CA ARG A 388 -4.11 19.41 -1.74
C ARG A 388 -2.61 19.30 -1.49
N ARG A 389 -1.86 19.12 -2.56
CA ARG A 389 -0.40 19.03 -2.50
C ARG A 389 0.25 20.32 -2.08
N LYS A 390 -0.18 21.42 -2.66
CA LYS A 390 0.32 22.72 -2.22
C LYS A 390 0.13 22.88 -0.71
N LEU A 391 -1.08 22.62 -0.20
CA LEU A 391 -1.30 22.69 1.24
C LEU A 391 -0.35 21.73 1.94
N LEU A 392 -0.29 20.49 1.46
CA LEU A 392 0.50 19.46 2.14
C LEU A 392 1.95 19.87 2.29
N GLU A 393 2.52 20.37 1.20
CA GLU A 393 3.90 20.83 1.19
C GLU A 393 4.14 21.97 2.17
N SER A 394 3.18 22.90 2.23
CA SER A 394 3.34 24.08 3.09
C SER A 394 3.27 23.76 4.58
N ILE A 395 2.72 22.61 4.96
CA ILE A 395 2.51 22.34 6.38
C ILE A 395 3.61 21.48 6.98
N VAL A 396 4.51 20.99 6.14
CA VAL A 396 5.58 20.16 6.62
C VAL A 396 6.82 21.03 6.78
N LYS A 397 7.24 21.17 8.02
CA LYS A 397 8.52 21.82 8.31
C LYS A 397 9.64 20.91 7.82
N PRO A 398 10.65 21.50 7.15
CA PRO A 398 11.79 20.73 6.62
C PRO A 398 12.37 19.88 7.72
N ASN A 399 12.61 18.61 7.44
CA ASN A 399 13.24 17.71 8.41
C ASN A 399 13.72 16.46 7.69
N ASP A 400 14.46 15.62 8.42
CA ASP A 400 15.06 14.41 7.87
C ASP A 400 14.14 13.19 7.82
N TYR A 401 12.93 13.30 8.35
CA TYR A 401 12.11 12.12 8.65
C TYR A 401 10.78 12.06 7.92
N VAL A 402 10.11 13.19 7.81
CA VAL A 402 8.80 13.28 7.17
C VAL A 402 8.98 14.28 6.04
N LYS A 403 8.68 13.79 4.85
CA LYS A 403 8.99 14.46 3.61
C LYS A 403 7.87 14.24 2.63
N ILE A 404 7.83 15.06 1.61
CA ILE A 404 6.85 14.87 0.56
C ILE A 404 7.44 13.80 -0.37
N ALA A 405 6.60 12.85 -0.77
CA ALA A 405 7.02 11.90 -1.80
C ALA A 405 7.85 12.63 -2.87
N HIS A 406 8.97 12.02 -3.26
CA HIS A 406 9.75 12.49 -4.39
C HIS A 406 8.85 12.48 -5.63
N HIS A 407 8.76 13.60 -6.32
CA HIS A 407 7.81 13.76 -7.41
C HIS A 407 8.32 14.78 -8.40
N ILE A 408 7.67 14.82 -9.55
CA ILE A 408 7.87 15.85 -10.55
C ILE A 408 6.50 16.14 -11.10
N GLN A 409 6.40 17.24 -11.86
CA GLN A 409 5.27 17.36 -12.75
C GLN A 409 5.76 16.99 -14.14
N ALA A 410 5.15 15.98 -14.73
CA ALA A 410 5.56 15.53 -16.06
C ALA A 410 4.64 16.25 -17.03
N ASN A 411 5.20 16.90 -18.05
CA ASN A 411 4.41 17.55 -19.08
C ASN A 411 4.58 16.83 -20.39
N ASN A 412 5.32 15.73 -20.36
CA ASN A 412 5.52 14.88 -21.51
C ASN A 412 5.93 13.50 -21.08
N VAL A 413 5.79 12.54 -21.99
CA VAL A 413 6.06 11.14 -21.72
C VAL A 413 7.52 10.93 -21.37
N GLU A 414 8.43 11.69 -21.97
CA GLU A 414 9.85 11.48 -21.62
C GLU A 414 10.25 11.93 -20.22
N ASP A 415 9.61 12.98 -19.72
CA ASP A 415 9.70 13.32 -18.30
C ASP A 415 9.26 12.12 -17.46
N LEU A 416 8.12 11.53 -17.83
CA LEU A 416 7.59 10.41 -17.07
C LEU A 416 8.54 9.23 -17.15
N LYS A 417 8.94 8.85 -18.35
CA LYS A 417 9.85 7.71 -18.47
C LYS A 417 11.15 7.91 -17.67
N SER A 418 11.76 9.07 -17.81
CA SER A 418 13.01 9.38 -17.13
C SER A 418 12.83 9.21 -15.65
N PHE A 419 11.75 9.78 -15.15
CA PHE A 419 11.45 9.68 -13.74
C PHE A 419 11.16 8.24 -13.29
N PHE A 420 10.38 7.52 -14.09
CA PHE A 420 10.15 6.08 -13.85
C PHE A 420 11.51 5.38 -13.75
N TYR A 421 12.40 5.65 -14.69
CA TYR A 421 13.68 4.98 -14.67
C TYR A 421 14.58 5.33 -13.51
N ARG A 422 14.58 6.60 -13.10
CA ARG A 422 15.21 7.00 -11.84
C ARG A 422 14.59 6.30 -10.62
N ALA A 423 13.26 6.14 -10.61
CA ALA A 423 12.56 5.53 -9.49
C ALA A 423 12.97 4.09 -9.28
N ILE A 424 13.10 3.35 -10.38
CA ILE A 424 13.46 1.96 -10.30
C ILE A 424 14.99 1.77 -10.14
N SER A 425 15.79 2.68 -10.70
CA SER A 425 17.22 2.71 -10.39
C SER A 425 17.46 2.86 -8.87
N GLU A 426 16.57 3.54 -8.16
CA GLU A 426 16.62 3.53 -6.69
C GLU A 426 15.91 2.27 -6.15
N GLY A 427 15.88 1.23 -6.99
CA GLY A 427 15.32 -0.07 -6.65
C GLY A 427 13.81 -0.12 -6.55
N GLY A 428 13.15 1.00 -6.86
CA GLY A 428 11.73 1.22 -6.55
C GLY A 428 10.73 0.39 -7.29
N GLU A 429 9.49 0.40 -6.80
CA GLU A 429 8.37 -0.28 -7.47
C GLU A 429 8.12 0.35 -8.86
N GLY A 430 8.31 1.65 -8.92
CA GLY A 430 7.95 2.44 -10.10
C GLY A 430 7.38 3.76 -9.65
N VAL A 431 6.32 4.21 -10.32
CA VAL A 431 5.80 5.49 -10.01
C VAL A 431 4.26 5.48 -9.99
N MET A 432 3.69 6.50 -9.39
CA MET A 432 2.27 6.69 -9.39
C MET A 432 2.07 7.99 -10.13
N VAL A 433 1.28 7.91 -11.19
CA VAL A 433 1.00 9.07 -12.05
C VAL A 433 -0.42 9.55 -11.72
N LYS A 434 -0.55 10.83 -11.45
CA LYS A 434 -1.76 11.37 -10.91
C LYS A 434 -2.21 12.62 -11.69
N ALA A 435 -3.47 12.61 -12.10
CA ALA A 435 -4.06 13.72 -12.84
C ALA A 435 -3.99 14.98 -12.00
N ILE A 436 -3.97 16.11 -12.70
CA ILE A 436 -4.07 17.39 -12.04
C ILE A 436 -5.30 18.11 -12.58
N GLY A 437 -5.71 19.21 -11.95
CA GLY A 437 -6.85 19.98 -12.40
C GLY A 437 -8.09 19.71 -11.58
N LYS A 438 -9.20 20.31 -11.99
CA LYS A 438 -10.44 20.24 -11.23
C LYS A 438 -11.04 18.87 -11.09
N ASP A 439 -10.77 17.97 -12.03
CA ASP A 439 -11.24 16.58 -11.88
C ASP A 439 -10.41 15.78 -10.91
N ALA A 440 -9.25 16.29 -10.57
CA ALA A 440 -8.23 15.51 -9.81
C ALA A 440 -8.53 15.54 -8.33
N ILE A 441 -9.72 15.07 -8.00
CA ILE A 441 -10.20 15.08 -6.63
C ILE A 441 -9.71 13.80 -5.91
N TYR A 442 -10.01 13.72 -4.62
CA TYR A 442 -9.67 12.54 -3.86
C TYR A 442 -10.86 11.59 -3.93
N GLN A 443 -10.72 10.50 -4.69
CA GLN A 443 -11.85 9.59 -4.94
C GLN A 443 -11.75 8.46 -3.91
N ALA A 444 -12.27 8.74 -2.70
CA ALA A 444 -12.16 7.83 -1.57
C ALA A 444 -12.68 6.44 -1.96
N GLY A 445 -11.87 5.42 -1.77
CA GLY A 445 -12.33 4.04 -1.91
C GLY A 445 -12.41 3.56 -3.33
N ALA A 446 -12.01 4.39 -4.29
CA ALA A 446 -12.30 4.05 -5.67
C ALA A 446 -11.02 3.85 -6.42
N ARG A 447 -11.07 2.94 -7.38
CA ARG A 447 -9.98 2.73 -8.31
CA ARG A 447 -9.98 2.71 -8.32
C ARG A 447 -10.44 3.29 -9.64
N GLY A 448 -9.77 4.32 -10.14
CA GLY A 448 -10.12 4.86 -11.45
C GLY A 448 -8.87 5.45 -12.07
N TRP A 449 -9.06 6.28 -13.08
CA TRP A 449 -7.97 6.76 -13.91
C TRP A 449 -7.25 7.99 -13.37
N LEU A 450 -7.71 8.54 -12.26
CA LEU A 450 -7.06 9.77 -11.72
C LEU A 450 -5.67 9.50 -11.14
N TRP A 451 -5.45 8.26 -10.67
CA TRP A 451 -4.14 7.79 -10.24
C TRP A 451 -3.87 6.51 -11.00
N ILE A 452 -2.70 6.42 -11.62
CA ILE A 452 -2.34 5.21 -12.35
C ILE A 452 -0.92 4.80 -12.00
N LYS A 453 -0.75 3.54 -11.63
CA LYS A 453 0.60 3.10 -11.29
C LYS A 453 1.30 2.62 -12.51
N LEU A 454 2.58 2.97 -12.60
CA LEU A 454 3.42 2.51 -13.68
C LEU A 454 4.50 1.71 -12.96
N LYS A 455 4.45 0.39 -13.10
CA LYS A 455 5.34 -0.49 -12.33
C LYS A 455 6.42 -1.13 -13.19
N ARG A 456 7.44 -1.64 -12.50
CA ARG A 456 8.53 -2.42 -13.08
C ARG A 456 8.06 -3.39 -14.17
N ASP A 457 6.79 -3.81 -14.11
CA ASP A 457 6.18 -4.61 -15.18
C ASP A 457 6.18 -3.92 -16.55
N TYR A 458 6.89 -2.79 -16.65
CA TYR A 458 7.19 -2.17 -17.94
C TYR A 458 8.25 -3.01 -18.67
N GLN A 459 8.40 -4.25 -18.20
CA GLN A 459 9.30 -5.24 -18.80
C GLN A 459 8.77 -5.74 -20.14
N SER A 460 8.44 -4.79 -21.02
CA SER A 460 8.03 -5.11 -22.39
C SER A 460 8.81 -4.25 -23.38
N GLU A 461 8.88 -2.94 -23.09
CA GLU A 461 9.64 -1.99 -23.91
C GLU A 461 11.14 -2.19 -23.70
N MET A 462 11.70 -1.52 -22.69
CA MET A 462 13.14 -1.65 -22.38
C MET A 462 13.46 -3.05 -21.85
N ALA A 463 13.67 -3.97 -22.79
CA ALA A 463 13.67 -5.41 -22.51
C ALA A 463 15.07 -5.95 -22.24
N ASP A 464 16.05 -5.05 -22.20
CA ASP A 464 17.45 -5.46 -22.20
C ASP A 464 18.33 -4.63 -21.23
N THR A 465 19.02 -5.32 -20.31
CA THR A 465 19.90 -4.63 -19.32
C THR A 465 21.35 -5.14 -19.30
N VAL A 466 22.28 -4.21 -19.50
CA VAL A 466 23.68 -4.57 -19.71
C VAL A 466 24.62 -3.75 -18.84
N ASP A 467 25.79 -4.32 -18.60
CA ASP A 467 26.88 -3.66 -17.91
C ASP A 467 27.94 -3.38 -18.94
N LEU A 468 28.20 -2.10 -19.12
CA LEU A 468 29.08 -1.64 -20.19
C LEU A 468 30.21 -0.75 -19.67
N VAL A 469 31.27 -0.63 -20.46
CA VAL A 469 32.46 0.11 -20.04
C VAL A 469 32.46 1.49 -20.65
N VAL A 470 32.74 2.50 -19.82
CA VAL A 470 32.89 3.85 -20.32
C VAL A 470 34.28 3.96 -20.99
N VAL A 471 34.30 4.31 -22.27
CA VAL A 471 35.57 4.42 -22.97
C VAL A 471 35.79 5.86 -23.46
N GLY A 472 34.78 6.70 -23.28
CA GLY A 472 34.88 8.11 -23.64
C GLY A 472 33.67 8.93 -23.26
N GLY A 473 33.80 10.25 -23.41
CA GLY A 473 32.70 11.16 -23.11
C GLY A 473 32.51 12.21 -24.18
N PHE A 474 31.34 12.83 -24.15
CA PHE A 474 30.95 13.94 -25.03
C PHE A 474 30.52 15.10 -24.18
N TYR A 475 30.96 16.28 -24.57
CA TYR A 475 30.40 17.51 -24.00
C TYR A 475 28.98 17.68 -24.50
N GLY A 476 28.11 18.24 -23.66
CA GLY A 476 26.76 18.55 -24.08
C GLY A 476 26.81 19.79 -24.95
N LYS A 477 25.66 20.41 -25.17
CA LYS A 477 25.60 21.60 -26.02
C LYS A 477 25.00 22.77 -25.25
N GLY A 478 25.10 23.99 -25.85
CA GLY A 478 24.55 25.20 -25.24
C GLY A 478 25.32 25.60 -23.99
N LYS A 479 24.59 25.83 -22.89
CA LYS A 479 25.18 26.28 -21.61
C LYS A 479 25.93 25.17 -20.87
N ARG A 480 25.53 23.92 -21.10
CA ARG A 480 26.27 22.78 -20.58
C ARG A 480 27.15 22.18 -21.69
N GLY A 481 27.66 23.06 -22.55
CA GLY A 481 28.65 22.66 -23.56
C GLY A 481 30.00 22.48 -22.89
N GLY A 482 30.07 22.85 -21.62
CA GLY A 482 31.29 22.74 -20.85
C GLY A 482 31.39 21.48 -20.04
N LYS A 483 30.26 20.75 -19.97
CA LYS A 483 30.18 19.53 -19.15
C LYS A 483 30.00 18.26 -19.99
N ILE A 484 30.71 17.18 -19.63
CA ILE A 484 30.43 15.85 -20.19
C ILE A 484 29.05 15.44 -19.73
N SER A 485 28.19 15.06 -20.67
CA SER A 485 26.81 14.71 -20.34
C SER A 485 26.36 13.56 -21.20
N SER A 486 27.34 12.87 -21.78
CA SER A 486 27.10 11.79 -22.73
C SER A 486 28.31 10.88 -22.69
N LEU A 487 28.08 9.58 -22.49
CA LEU A 487 29.18 8.62 -22.37
C LEU A 487 29.16 7.65 -23.51
N LEU A 488 30.34 7.39 -24.07
CA LEU A 488 30.55 6.29 -25.02
C LEU A 488 30.79 4.95 -24.31
N MET A 489 29.85 4.02 -24.48
CA MET A 489 29.84 2.78 -23.73
C MET A 489 30.25 1.60 -24.60
N ALA A 490 30.87 0.59 -23.97
CA ALA A 490 31.40 -0.54 -24.71
C ALA A 490 31.21 -1.85 -23.98
N ALA A 491 31.06 -2.91 -24.75
CA ALA A 491 30.97 -4.26 -24.27
C ALA A 491 32.36 -4.85 -24.36
N TYR A 492 32.60 -5.86 -23.55
CA TYR A 492 33.88 -6.53 -23.50
C TYR A 492 33.94 -7.70 -24.49
N ASN A 493 34.98 -7.71 -25.31
CA ASN A 493 35.23 -8.86 -26.18
C ASN A 493 36.37 -9.69 -25.61
N PRO A 494 36.05 -10.81 -24.94
CA PRO A 494 37.10 -11.55 -24.26
C PRO A 494 38.10 -12.23 -25.20
N LYS A 495 37.67 -12.54 -26.43
CA LYS A 495 38.58 -13.16 -27.42
C LYS A 495 39.72 -12.23 -27.78
N THR A 496 39.40 -10.96 -28.05
CA THR A 496 40.41 -9.98 -28.44
C THR A 496 40.85 -9.10 -27.28
N ASP A 497 40.21 -9.28 -26.11
CA ASP A 497 40.50 -8.47 -24.92
C ASP A 497 40.38 -6.97 -25.24
N SER A 498 39.28 -6.61 -25.88
CA SER A 498 39.01 -5.26 -26.28
C SER A 498 37.62 -4.85 -25.86
N PHE A 499 37.41 -3.53 -25.83
CA PHE A 499 36.11 -2.98 -25.57
C PHE A 499 35.59 -2.42 -26.86
N GLU A 500 34.42 -2.89 -27.24
CA GLU A 500 33.81 -2.55 -28.50
C GLU A 500 32.59 -1.69 -28.22
N SER A 501 32.56 -0.49 -28.80
CA SER A 501 31.48 0.46 -28.54
C SER A 501 30.11 -0.12 -28.89
N VAL A 502 29.11 0.11 -28.02
CA VAL A 502 27.78 -0.38 -28.25
C VAL A 502 26.78 0.78 -28.25
N CYS A 503 27.05 1.85 -27.48
CA CYS A 503 26.17 3.02 -27.52
C CYS A 503 26.78 4.26 -26.91
N LYS A 504 26.06 5.35 -27.11
CA LYS A 504 26.38 6.66 -26.58
C LYS A 504 25.19 6.91 -25.69
N VAL A 505 25.40 7.04 -24.38
CA VAL A 505 24.28 7.21 -23.44
C VAL A 505 24.23 8.61 -22.88
N ALA A 506 23.07 9.24 -22.97
CA ALA A 506 22.90 10.57 -22.41
C ALA A 506 21.78 10.64 -21.38
N SER A 507 20.84 9.70 -21.42
CA SER A 507 19.72 9.80 -20.47
C SER A 507 19.94 8.84 -19.33
N GLY A 508 19.38 9.19 -18.16
CA GLY A 508 19.43 8.32 -17.00
C GLY A 508 20.20 8.92 -15.84
N PHE A 509 21.04 9.91 -16.12
CA PHE A 509 21.89 10.53 -15.11
C PHE A 509 21.10 11.58 -14.36
N SER A 510 21.05 11.46 -13.04
CA SER A 510 20.51 12.52 -12.20
C SER A 510 21.40 13.75 -12.36
N ASP A 511 20.90 14.93 -12.00
CA ASP A 511 21.68 16.16 -12.01
C ASP A 511 23.03 15.94 -11.31
N GLU A 512 23.01 15.25 -10.18
CA GLU A 512 24.19 15.00 -9.36
C GLU A 512 25.18 14.09 -10.07
N GLN A 513 24.68 12.97 -10.60
CA GLN A 513 25.47 12.05 -11.41
C GLN A 513 26.09 12.75 -12.62
N LEU A 514 25.31 13.59 -13.30
CA LEU A 514 25.83 14.41 -14.40
C LEU A 514 27.00 15.27 -13.99
N ASP A 515 26.86 15.96 -12.86
CA ASP A 515 27.91 16.83 -12.33
C ASP A 515 29.16 16.04 -11.90
N GLU A 516 28.97 14.84 -11.37
CA GLU A 516 30.08 14.01 -10.97
C GLU A 516 30.90 13.52 -12.16
N LEU A 517 30.27 13.45 -13.34
CA LEU A 517 30.88 12.90 -14.57
C LEU A 517 32.15 13.62 -14.97
N GLN A 518 32.11 14.94 -14.94
CA GLN A 518 33.24 15.74 -15.38
CA GLN A 518 33.24 15.77 -15.37
C GLN A 518 34.52 15.31 -14.67
N LYS A 519 34.53 15.35 -13.34
CA LYS A 519 35.70 14.96 -12.55
C LYS A 519 36.07 13.49 -12.76
N LYS A 520 35.05 12.64 -12.67
CA LYS A 520 35.22 11.19 -12.77
C LYS A 520 35.98 10.87 -14.05
N LEU A 521 35.50 11.44 -15.16
CA LEU A 521 36.10 11.18 -16.45
C LEU A 521 37.39 11.97 -16.70
N MET A 522 37.47 13.20 -16.22
CA MET A 522 38.69 13.98 -16.43
C MET A 522 39.91 13.29 -15.78
N GLU A 523 39.69 12.65 -14.63
CA GLU A 523 40.74 11.94 -13.89
C GLU A 523 41.39 10.86 -14.76
N ILE A 524 40.63 10.30 -15.69
CA ILE A 524 41.09 9.13 -16.42
C ILE A 524 41.14 9.43 -17.91
N LYS A 525 41.10 10.72 -18.23
CA LYS A 525 41.19 11.22 -19.59
C LYS A 525 42.51 10.74 -20.21
N ARG A 526 42.47 10.35 -21.47
CA ARG A 526 43.74 10.06 -22.16
C ARG A 526 43.76 10.75 -23.51
N ASP A 527 44.94 11.18 -23.92
CA ASP A 527 45.05 12.04 -25.11
C ASP A 527 44.71 11.28 -26.38
N VAL A 528 44.99 9.98 -26.35
CA VAL A 528 44.65 9.10 -27.47
C VAL A 528 43.84 7.91 -26.98
N LYS A 529 42.99 7.41 -27.87
CA LYS A 529 42.23 6.23 -27.65
C LYS A 529 43.05 5.15 -26.97
N HIS A 530 42.49 4.59 -25.93
CA HIS A 530 43.12 3.45 -25.27
C HIS A 530 43.25 2.29 -26.25
N PRO A 531 44.42 1.66 -26.34
CA PRO A 531 44.61 0.57 -27.29
C PRO A 531 43.67 -0.62 -27.14
N ARG A 532 43.05 -0.78 -25.97
CA ARG A 532 42.04 -1.84 -25.80
C ARG A 532 40.63 -1.41 -26.19
N VAL A 533 40.46 -0.12 -26.52
CA VAL A 533 39.14 0.34 -26.95
C VAL A 533 39.02 0.37 -28.48
N ASN A 534 37.97 -0.27 -28.95
CA ASN A 534 37.67 -0.35 -30.36
C ASN A 534 36.39 0.42 -30.58
N SER A 535 36.54 1.59 -31.18
CA SER A 535 35.40 2.43 -31.53
C SER A 535 35.71 3.18 -32.81
N LYS A 536 34.75 3.18 -33.73
CA LYS A 536 34.79 4.06 -34.90
C LYS A 536 34.32 5.45 -34.50
N MET A 537 33.44 5.49 -33.51
CA MET A 537 32.86 6.73 -33.01
C MET A 537 33.90 7.48 -32.17
N GLU A 538 34.10 8.77 -32.46
CA GLU A 538 35.07 9.57 -31.74
C GLU A 538 34.38 10.44 -30.67
N PRO A 539 34.63 10.13 -29.38
CA PRO A 539 34.15 10.99 -28.32
C PRO A 539 34.97 12.27 -28.24
N ASP A 540 34.52 13.21 -27.43
CA ASP A 540 35.23 14.47 -27.26
C ASP A 540 36.47 14.22 -26.41
N ILE A 541 36.35 13.30 -25.46
CA ILE A 541 37.50 12.83 -24.68
C ILE A 541 37.51 11.30 -24.66
N TRP A 542 38.70 10.73 -24.82
CA TRP A 542 38.88 9.32 -24.61
C TRP A 542 39.21 9.14 -23.16
N VAL A 543 38.94 7.93 -22.67
CA VAL A 543 39.08 7.63 -21.27
C VAL A 543 39.67 6.23 -21.13
N GLU A 544 40.46 6.02 -20.08
CA GLU A 544 40.89 4.68 -19.70
CA GLU A 544 40.87 4.67 -19.73
C GLU A 544 39.62 3.84 -19.51
N PRO A 545 39.59 2.61 -20.08
CA PRO A 545 38.43 1.73 -19.87
C PRO A 545 38.47 1.17 -18.45
N VAL A 546 37.71 1.79 -17.54
CA VAL A 546 37.77 1.54 -16.10
C VAL A 546 36.35 1.36 -15.54
N TYR A 547 35.46 2.29 -15.90
CA TYR A 547 34.19 2.37 -15.18
C TYR A 547 33.14 1.59 -15.91
N VAL A 548 32.29 0.94 -15.12
CA VAL A 548 31.26 0.09 -15.65
C VAL A 548 29.93 0.67 -15.22
N ALA A 549 29.02 0.75 -16.18
CA ALA A 549 27.69 1.25 -15.91
C ALA A 549 26.63 0.26 -16.36
N GLU A 550 25.57 0.15 -15.55
CA GLU A 550 24.38 -0.56 -15.92
C GLU A 550 23.51 0.32 -16.81
N ILE A 551 23.20 -0.23 -17.98
CA ILE A 551 22.54 0.50 -19.05
C ILE A 551 21.36 -0.35 -19.44
N ILE A 552 20.24 0.31 -19.70
CA ILE A 552 19.07 -0.36 -20.25
C ILE A 552 18.76 0.28 -21.59
N GLY A 553 18.20 -0.52 -22.50
CA GLY A 553 17.61 -0.04 -23.75
C GLY A 553 16.41 -0.91 -24.13
N SER A 554 15.69 -0.48 -25.16
CA SER A 554 14.51 -1.22 -25.64
C SER A 554 14.88 -2.49 -26.40
N GLU A 555 16.03 -2.45 -27.09
CA GLU A 555 16.44 -3.53 -27.96
C GLU A 555 17.83 -3.31 -28.48
N ILE A 556 18.40 -4.36 -29.06
CA ILE A 556 19.70 -4.28 -29.68
C ILE A 556 19.48 -4.16 -31.19
N THR A 557 20.17 -3.20 -31.80
CA THR A 557 19.97 -2.91 -33.21
C THR A 557 21.30 -2.96 -33.95
N ILE A 558 21.22 -3.18 -35.25
CA ILE A 558 22.37 -3.11 -36.12
C ILE A 558 22.77 -1.64 -36.28
N SER A 559 24.05 -1.34 -36.01
CA SER A 559 24.55 0.03 -36.13
C SER A 559 25.86 0.08 -36.88
N PRO A 560 25.92 0.91 -37.96
CA PRO A 560 27.19 1.14 -38.66
C PRO A 560 28.17 1.93 -37.81
N LEU A 561 27.65 2.59 -36.77
CA LEU A 561 28.45 3.49 -35.97
C LEU A 561 29.25 2.78 -34.92
N HIS A 562 28.79 1.59 -34.55
CA HIS A 562 29.36 0.86 -33.43
C HIS A 562 30.06 -0.43 -33.81
N THR A 563 31.03 -0.84 -33.01
CA THR A 563 31.89 -1.95 -33.39
C THR A 563 31.56 -3.26 -32.72
N CYS A 564 30.68 -3.23 -31.73
CA CYS A 564 30.30 -4.45 -30.99
C CYS A 564 29.82 -5.48 -32.00
N CYS A 565 30.36 -6.71 -31.96
CA CYS A 565 29.99 -7.76 -32.92
C CYS A 565 30.13 -7.30 -34.37
N GLN A 566 31.16 -6.51 -34.63
CA GLN A 566 31.48 -6.01 -35.96
C GLN A 566 31.32 -7.07 -37.02
N ASP A 567 30.45 -6.80 -38.00
CA ASP A 567 30.30 -7.64 -39.17
C ASP A 567 29.63 -9.00 -38.93
N VAL A 568 29.33 -9.33 -37.67
CA VAL A 568 28.70 -10.64 -37.37
C VAL A 568 27.29 -10.80 -37.93
N VAL A 569 26.42 -9.81 -37.77
CA VAL A 569 25.06 -9.94 -38.35
C VAL A 569 24.89 -9.17 -39.66
N GLU A 570 25.48 -7.98 -39.71
CA GLU A 570 25.48 -7.16 -40.93
C GLU A 570 26.87 -6.58 -41.18
N LYS A 571 27.30 -6.63 -42.43
CA LYS A 571 28.63 -6.14 -42.81
C LYS A 571 28.73 -4.61 -42.68
N ASP A 572 29.91 -4.13 -42.28
CA ASP A 572 30.18 -2.70 -42.03
C ASP A 572 29.35 -2.15 -40.87
N ALA A 573 28.87 -3.03 -40.01
CA ALA A 573 28.06 -2.61 -38.87
C ALA A 573 28.27 -3.52 -37.69
N GLY A 574 28.13 -2.96 -36.50
CA GLY A 574 28.13 -3.74 -35.27
C GLY A 574 26.73 -3.77 -34.71
N LEU A 575 26.63 -3.96 -33.41
CA LEU A 575 25.36 -3.97 -32.72
C LEU A 575 25.36 -2.81 -31.75
N SER A 576 24.18 -2.25 -31.53
CA SER A 576 24.03 -1.09 -30.68
C SER A 576 22.87 -1.32 -29.74
N ILE A 577 22.77 -0.46 -28.74
CA ILE A 577 21.62 -0.44 -27.85
C ILE A 577 20.74 0.76 -28.17
N ARG A 578 19.48 0.44 -28.49
CA ARG A 578 18.52 1.43 -28.89
C ARG A 578 17.97 2.09 -27.64
N PHE A 579 17.88 3.43 -27.70
CA PHE A 579 17.36 4.24 -26.59
C PHE A 579 18.03 3.88 -25.26
N PRO A 580 19.38 3.93 -25.21
CA PRO A 580 19.99 3.55 -23.95
C PRO A 580 19.72 4.58 -22.85
N ARG A 581 19.55 4.07 -21.63
CA ARG A 581 19.44 4.88 -20.43
C ARG A 581 20.41 4.36 -19.39
N PHE A 582 21.12 5.29 -18.77
CA PHE A 582 22.01 4.97 -17.68
C PHE A 582 21.12 4.57 -16.52
N ILE A 583 21.47 3.49 -15.86
CA ILE A 583 20.71 3.10 -14.69
C ILE A 583 21.50 3.45 -13.46
N ARG A 584 22.72 2.90 -13.36
CA ARG A 584 23.56 3.09 -12.17
CA ARG A 584 23.56 3.09 -12.17
C ARG A 584 25.00 2.75 -12.50
N TRP A 585 25.91 3.20 -11.66
CA TRP A 585 27.31 2.76 -11.81
C TRP A 585 27.43 1.36 -11.20
N ARG A 586 28.32 0.56 -11.77
CA ARG A 586 28.67 -0.74 -11.19
C ARG A 586 30.08 -0.69 -10.64
N ASP A 587 30.20 -0.14 -9.43
CA ASP A 587 31.49 -0.11 -8.73
C ASP A 587 31.99 -1.52 -8.41
N ASP A 588 31.07 -2.48 -8.44
CA ASP A 588 31.35 -3.87 -8.07
C ASP A 588 31.78 -4.70 -9.27
N LYS A 589 32.01 -4.04 -10.41
CA LYS A 589 32.46 -4.69 -11.63
C LYS A 589 33.74 -4.08 -12.17
N SER A 590 34.68 -4.94 -12.57
CA SER A 590 35.84 -4.52 -13.37
C SER A 590 35.44 -4.51 -14.84
N PRO A 591 36.21 -3.81 -15.70
CA PRO A 591 35.76 -3.70 -17.08
C PRO A 591 35.67 -5.06 -17.79
N GLU A 592 36.48 -6.02 -17.38
CA GLU A 592 36.41 -7.37 -17.96
C GLU A 592 35.22 -8.18 -17.47
N ASP A 593 34.51 -7.66 -16.46
CA ASP A 593 33.26 -8.29 -15.98
C ASP A 593 32.05 -7.78 -16.73
N ALA A 594 32.28 -6.86 -17.67
CA ALA A 594 31.21 -6.22 -18.41
C ALA A 594 30.48 -7.22 -19.25
N THR A 595 29.31 -6.82 -19.72
CA THR A 595 28.60 -7.62 -20.69
C THR A 595 29.52 -7.83 -21.88
N THR A 596 29.60 -9.07 -22.32
CA THR A 596 30.46 -9.39 -23.43
C THR A 596 29.73 -9.17 -24.76
N THR A 597 30.51 -9.03 -25.81
CA THR A 597 30.02 -8.96 -27.16
C THR A 597 29.16 -10.19 -27.50
N ASP A 598 29.60 -11.37 -27.04
CA ASP A 598 28.89 -12.61 -27.25
C ASP A 598 27.49 -12.51 -26.62
N GLU A 599 27.43 -11.95 -25.42
CA GLU A 599 26.15 -11.73 -24.77
C GLU A 599 25.31 -10.73 -25.52
N ILE A 600 25.94 -9.69 -26.07
CA ILE A 600 25.17 -8.74 -26.86
C ILE A 600 24.52 -9.49 -28.02
N LEU A 601 25.33 -10.26 -28.75
CA LEU A 601 24.86 -11.03 -29.90
C LEU A 601 23.71 -11.95 -29.50
N GLU A 602 23.88 -12.63 -28.38
CA GLU A 602 22.88 -13.58 -27.87
C GLU A 602 21.53 -12.90 -27.67
N MET A 603 21.56 -11.71 -27.05
CA MET A 603 20.36 -10.95 -26.77
C MET A 603 19.69 -10.53 -28.06
N TYR A 604 20.50 -10.04 -29.00
CA TYR A 604 20.04 -9.68 -30.31
C TYR A 604 19.40 -10.86 -31.03
N ASN A 605 20.06 -12.01 -30.96
CA ASN A 605 19.59 -13.19 -31.67
C ASN A 605 18.29 -13.75 -31.09
N LYS A 606 18.00 -13.37 -29.86
CA LYS A 606 16.75 -13.76 -29.19
C LYS A 606 15.55 -12.93 -29.64
N GLN A 607 15.82 -11.70 -30.11
CA GLN A 607 14.76 -10.75 -30.49
C GLN A 607 13.98 -11.22 -31.69
N PRO A 608 12.65 -11.01 -31.67
CA PRO A 608 11.82 -11.40 -32.81
C PRO A 608 12.43 -10.90 -34.12
N LYS A 609 12.51 -11.81 -35.08
CA LYS A 609 13.20 -11.58 -36.35
C LYS A 609 12.34 -10.79 -37.34
N LYS A 610 11.48 -9.91 -36.80
CA LYS A 610 10.63 -9.04 -37.60
C LYS A 610 11.12 -7.59 -37.59
#